data_6RX3
#
_entry.id   6RX3
#
_cell.length_a   91.416
_cell.length_b   91.416
_cell.length_c   69.725
_cell.angle_alpha   90.00
_cell.angle_beta   90.00
_cell.angle_gamma   120.00
#
_symmetry.space_group_name_H-M   'P 32 2 1'
#
loop_
_entity.id
_entity.type
_entity.pdbx_description
1 polymer Syncytin-2
2 non-polymer 'CHLORIDE ION'
3 water water
#
_entity_poly.entity_id   1
_entity_poly.type   'polypeptide(L)'
_entity_poly.pdbx_seq_one_letter_code
;MHHHHHHENLYFQSTKASLTYSQLSKEIANNIDTMAKALTTMQEQIDSLAAVVLQNRRGLDMLTAAQGGICLALDEKCCF
WVNQSGKVQDNIRQLLNQASSLRERATQ
;
_entity_poly.pdbx_strand_id   A,B,C
#
loop_
_chem_comp.id
_chem_comp.type
_chem_comp.name
_chem_comp.formula
CL non-polymer 'CHLORIDE ION' 'Cl -1'
#
# COMPACT_ATOMS: atom_id res chain seq x y z
N THR A 20 -12.99 8.56 28.45
CA THR A 20 -13.79 7.40 28.89
C THR A 20 -13.55 6.19 27.97
N TYR A 21 -13.93 4.98 28.48
CA TYR A 21 -13.83 3.70 27.78
C TYR A 21 -14.61 3.69 26.46
N SER A 22 -15.93 3.96 26.54
CA SER A 22 -16.83 3.95 25.39
C SER A 22 -16.44 4.97 24.32
N GLN A 23 -16.06 6.20 24.73
CA GLN A 23 -15.64 7.23 23.77
C GLN A 23 -14.31 6.89 23.09
N LEU A 24 -13.40 6.18 23.79
CA LEU A 24 -12.10 5.78 23.25
C LEU A 24 -12.26 4.65 22.22
N SER A 25 -13.01 3.58 22.58
CA SER A 25 -13.27 2.46 21.68
C SER A 25 -14.04 2.91 20.43
N LYS A 26 -14.90 3.96 20.55
CA LYS A 26 -15.63 4.54 19.44
C LYS A 26 -14.69 5.35 18.52
N GLU A 27 -13.64 5.97 19.10
CA GLU A 27 -12.60 6.71 18.39
C GLU A 27 -11.66 5.72 17.68
N ILE A 28 -11.29 4.62 18.39
CA ILE A 28 -10.41 3.56 17.88
C ILE A 28 -11.08 2.89 16.68
N ALA A 29 -12.37 2.51 16.80
CA ALA A 29 -13.16 1.88 15.72
C ALA A 29 -13.29 2.76 14.46
N ASN A 30 -13.36 4.11 14.63
CA ASN A 30 -13.44 5.07 13.52
C ASN A 30 -12.11 5.13 12.76
N ASN A 31 -11.03 5.03 13.51
CA ASN A 31 -9.66 5.01 13.04
C ASN A 31 -9.39 3.70 12.25
N ILE A 32 -9.89 2.54 12.76
CA ILE A 32 -9.81 1.22 12.10
C ILE A 32 -10.49 1.31 10.73
N ASP A 33 -11.68 1.93 10.68
CA ASP A 33 -12.45 2.12 9.46
C ASP A 33 -11.68 2.93 8.45
N THR A 34 -10.94 3.99 8.89
CA THR A 34 -10.10 4.83 8.03
C THR A 34 -8.91 4.02 7.45
N MET A 35 -8.25 3.19 8.31
CA MET A 35 -7.13 2.31 7.90
CA MET A 35 -7.13 2.33 7.89
C MET A 35 -7.60 1.33 6.83
N ALA A 36 -8.73 0.62 7.07
CA ALA A 36 -9.30 -0.38 6.16
C ALA A 36 -9.71 0.25 4.84
N LYS A 37 -10.17 1.51 4.89
CA LYS A 37 -10.57 2.29 3.72
C LYS A 37 -9.31 2.60 2.89
N ALA A 38 -8.23 3.01 3.57
CA ALA A 38 -6.92 3.34 3.00
C ALA A 38 -6.28 2.11 2.36
N LEU A 39 -6.33 0.95 3.04
CA LEU A 39 -5.81 -0.32 2.51
C LEU A 39 -6.59 -0.83 1.30
N THR A 40 -7.94 -0.67 1.32
CA THR A 40 -8.81 -1.08 0.21
C THR A 40 -8.44 -0.31 -1.06
N THR A 41 -8.32 1.03 -0.94
CA THR A 41 -7.96 1.92 -2.04
C THR A 41 -6.52 1.64 -2.55
N MET A 42 -5.60 1.37 -1.62
CA MET A 42 -4.21 1.01 -1.92
C MET A 42 -4.15 -0.32 -2.72
N GLN A 43 -4.93 -1.35 -2.28
CA GLN A 43 -4.99 -2.65 -2.98
C GLN A 43 -5.64 -2.53 -4.34
N GLU A 44 -6.67 -1.67 -4.49
CA GLU A 44 -7.31 -1.42 -5.78
C GLU A 44 -6.31 -0.89 -6.80
N GLN A 45 -5.45 0.07 -6.37
CA GLN A 45 -4.39 0.68 -7.19
C GLN A 45 -3.32 -0.34 -7.58
N ILE A 46 -2.91 -1.22 -6.65
CA ILE A 46 -1.92 -2.28 -6.91
C ILE A 46 -2.47 -3.25 -7.97
N ASP A 47 -3.73 -3.69 -7.77
CA ASP A 47 -4.43 -4.60 -8.69
C ASP A 47 -4.61 -3.93 -10.06
N SER A 48 -4.96 -2.63 -10.07
CA SER A 48 -5.14 -1.85 -11.30
C SER A 48 -3.81 -1.76 -12.04
N LEU A 49 -2.72 -1.40 -11.32
CA LEU A 49 -1.38 -1.27 -11.89
C LEU A 49 -0.82 -2.60 -12.40
N ALA A 50 -1.01 -3.69 -11.63
CA ALA A 50 -0.52 -5.02 -12.02
C ALA A 50 -1.14 -5.53 -13.31
N ALA A 51 -2.43 -5.24 -13.58
CA ALA A 51 -3.06 -5.65 -14.85
C ALA A 51 -2.38 -4.96 -16.06
N VAL A 52 -1.92 -3.70 -15.88
CA VAL A 52 -1.23 -2.93 -16.90
C VAL A 52 0.19 -3.50 -17.13
N VAL A 53 0.93 -3.81 -16.03
CA VAL A 53 2.28 -4.37 -16.17
C VAL A 53 2.25 -5.80 -16.75
N LEU A 54 1.25 -6.64 -16.44
CA LEU A 54 1.22 -7.99 -17.02
C LEU A 54 0.83 -7.95 -18.49
N GLN A 55 0.05 -6.94 -18.89
CA GLN A 55 -0.31 -6.73 -20.30
C GLN A 55 0.93 -6.17 -21.03
N ASN A 56 1.75 -5.36 -20.34
CA ASN A 56 3.02 -4.85 -20.85
C ASN A 56 4.04 -5.99 -21.08
N ARG A 57 4.05 -7.00 -20.16
CA ARG A 57 4.91 -8.18 -20.27
C ARG A 57 4.46 -9.07 -21.44
N ARG A 58 3.15 -9.25 -21.63
CA ARG A 58 2.59 -10.05 -22.74
C ARG A 58 2.90 -9.37 -24.08
N GLY A 59 2.92 -8.04 -24.07
CA GLY A 59 3.28 -7.21 -25.21
C GLY A 59 4.71 -7.44 -25.64
N LEU A 60 5.63 -7.46 -24.67
CA LEU A 60 7.07 -7.70 -24.89
C LEU A 60 7.36 -9.14 -25.30
N ASP A 61 6.65 -10.13 -24.71
CA ASP A 61 6.79 -11.53 -25.08
C ASP A 61 6.29 -11.78 -26.52
N MET A 62 5.29 -11.02 -26.97
CA MET A 62 4.74 -11.09 -28.32
C MET A 62 5.77 -10.52 -29.32
N LEU A 63 6.40 -9.37 -28.96
CA LEU A 63 7.41 -8.69 -29.81
C LEU A 63 8.70 -9.52 -29.97
N THR A 64 9.06 -10.32 -28.94
CA THR A 64 10.23 -11.21 -28.93
C THR A 64 9.80 -12.71 -28.99
N ALA A 65 8.66 -13.01 -29.64
CA ALA A 65 8.12 -14.38 -29.76
C ALA A 65 9.10 -15.36 -30.42
N ALA A 66 9.88 -14.89 -31.43
CA ALA A 66 10.89 -15.70 -32.13
C ALA A 66 12.02 -16.11 -31.19
N GLN A 67 12.34 -15.25 -30.19
CA GLN A 67 13.38 -15.53 -29.17
C GLN A 67 12.84 -16.28 -27.95
N GLY A 68 11.54 -16.58 -27.95
CA GLY A 68 10.88 -17.29 -26.86
C GLY A 68 10.46 -16.41 -25.69
N GLY A 69 10.27 -15.10 -25.96
CA GLY A 69 9.86 -14.15 -24.95
C GLY A 69 10.95 -13.19 -24.55
N ILE A 70 10.56 -12.15 -23.79
CA ILE A 70 11.46 -11.07 -23.39
C ILE A 70 12.53 -11.52 -22.38
N CYS A 71 12.25 -12.49 -21.49
CA CYS A 71 13.24 -12.97 -20.52
C CYS A 71 14.36 -13.74 -21.24
N LEU A 72 13.99 -14.64 -22.19
CA LEU A 72 14.94 -15.40 -23.02
C LEU A 72 15.72 -14.46 -23.97
N ALA A 73 15.03 -13.47 -24.56
CA ALA A 73 15.66 -12.45 -25.41
C ALA A 73 16.69 -11.59 -24.66
N LEU A 74 16.42 -11.29 -23.36
CA LEU A 74 17.32 -10.52 -22.48
C LEU A 74 18.35 -11.43 -21.83
N ASP A 75 18.11 -12.77 -21.89
CA ASP A 75 18.93 -13.82 -21.27
C ASP A 75 19.04 -13.51 -19.77
N GLU A 76 17.87 -13.50 -19.10
CA GLU A 76 17.71 -13.12 -17.70
C GLU A 76 16.75 -14.05 -17.00
N LYS A 77 16.91 -14.18 -15.67
CA LYS A 77 16.01 -14.95 -14.81
C LYS A 77 14.68 -14.18 -14.86
N CYS A 78 13.61 -14.87 -15.25
CA CYS A 78 12.31 -14.26 -15.43
C CYS A 78 11.61 -13.86 -14.13
N CYS A 79 11.13 -12.60 -14.09
CA CYS A 79 10.38 -12.05 -12.97
C CYS A 79 8.88 -12.23 -13.19
N PHE A 80 8.21 -12.72 -12.15
CA PHE A 80 6.76 -12.93 -12.14
C PHE A 80 6.19 -12.21 -10.95
N TRP A 81 4.97 -11.69 -11.10
CA TRP A 81 4.34 -11.00 -10.00
C TRP A 81 3.61 -11.99 -9.10
N VAL A 82 3.81 -11.86 -7.77
CA VAL A 82 3.13 -12.69 -6.78
C VAL A 82 1.93 -11.87 -6.24
N ASN A 83 0.75 -12.21 -6.74
CA ASN A 83 -0.53 -11.57 -6.44
C ASN A 83 -1.01 -11.99 -5.05
N GLN A 84 -1.15 -11.01 -4.13
CA GLN A 84 -1.59 -11.28 -2.75
C GLN A 84 -2.86 -10.52 -2.34
N SER A 85 -3.65 -10.06 -3.31
CA SER A 85 -4.90 -9.32 -3.04
C SER A 85 -5.83 -10.04 -2.02
N GLY A 86 -6.04 -11.34 -2.20
CA GLY A 86 -6.84 -12.20 -1.33
C GLY A 86 -6.40 -12.14 0.12
N LYS A 87 -5.08 -12.25 0.35
CA LYS A 87 -4.47 -12.17 1.68
C LYS A 87 -4.69 -10.75 2.29
N VAL A 88 -4.63 -9.68 1.45
CA VAL A 88 -4.87 -8.30 1.89
C VAL A 88 -6.35 -8.11 2.24
N GLN A 89 -7.26 -8.56 1.35
CA GLN A 89 -8.72 -8.54 1.51
C GLN A 89 -9.16 -9.31 2.77
N ASP A 90 -8.38 -10.32 3.19
CA ASP A 90 -8.63 -11.10 4.39
C ASP A 90 -8.33 -10.25 5.61
N ASN A 91 -7.20 -9.52 5.59
CA ASN A 91 -6.78 -8.60 6.66
C ASN A 91 -7.74 -7.41 6.80
N ILE A 92 -8.30 -6.91 5.68
CA ILE A 92 -9.26 -5.80 5.66
C ILE A 92 -10.54 -6.23 6.37
N ARG A 93 -11.05 -7.46 6.06
CA ARG A 93 -12.21 -8.05 6.70
C ARG A 93 -11.97 -8.26 8.19
N GLN A 94 -10.75 -8.70 8.57
CA GLN A 94 -10.35 -8.87 9.98
C GLN A 94 -10.38 -7.54 10.73
N LEU A 95 -10.01 -6.41 10.07
CA LEU A 95 -10.01 -5.07 10.66
C LEU A 95 -11.43 -4.58 10.88
N LEU A 96 -12.30 -4.74 9.84
CA LEU A 96 -13.70 -4.34 9.90
C LEU A 96 -14.51 -5.09 10.99
N ASN A 97 -14.07 -6.32 11.35
CA ASN A 97 -14.65 -7.15 12.43
C ASN A 97 -14.19 -6.63 13.80
N GLN A 98 -12.92 -6.17 13.88
CA GLN A 98 -12.32 -5.60 15.09
C GLN A 98 -12.98 -4.27 15.44
N ALA A 99 -13.27 -3.41 14.43
CA ALA A 99 -13.94 -2.13 14.56
C ALA A 99 -15.40 -2.35 15.01
N SER A 100 -16.04 -3.40 14.44
CA SER A 100 -17.42 -3.79 14.73
C SER A 100 -17.55 -4.27 16.18
N SER A 101 -16.64 -5.17 16.63
CA SER A 101 -16.64 -5.73 17.99
C SER A 101 -16.40 -4.67 19.07
N LEU A 102 -15.52 -3.69 18.79
CA LEU A 102 -15.19 -2.56 19.67
C LEU A 102 -16.39 -1.63 19.87
N ARG A 103 -17.26 -1.53 18.83
CA ARG A 103 -18.49 -0.71 18.84
C ARG A 103 -19.59 -1.39 19.62
N GLU A 104 -19.65 -2.73 19.55
CA GLU A 104 -20.61 -3.58 20.27
C GLU A 104 -20.25 -3.58 21.77
N ARG A 105 -18.94 -3.72 22.10
CA ARG A 105 -18.41 -3.73 23.47
C ARG A 105 -18.46 -2.35 24.15
N ALA A 106 -18.48 -1.26 23.36
CA ALA A 106 -18.55 0.13 23.85
C ALA A 106 -19.86 0.42 24.63
N THR A 107 -20.99 -0.16 24.17
CA THR A 107 -22.31 -0.01 24.78
C THR A 107 -22.37 -0.71 26.15
N GLN A 108 -22.08 -2.03 26.19
CA GLN A 108 -22.08 -2.85 27.42
C GLN A 108 -20.95 -2.50 28.40
N THR B 20 -12.67 -4.05 31.10
CA THR B 20 -12.60 -2.87 30.21
C THR B 20 -11.17 -2.65 29.71
N TYR B 21 -10.29 -2.07 30.58
CA TYR B 21 -8.86 -1.84 30.30
C TYR B 21 -8.14 -3.20 30.30
N SER B 22 -6.94 -3.28 29.68
CA SER B 22 -6.13 -4.50 29.47
C SER B 22 -6.78 -5.38 28.41
N GLN B 23 -8.14 -5.36 28.33
CA GLN B 23 -8.94 -6.05 27.33
C GLN B 23 -8.89 -5.19 26.06
N LEU B 24 -9.12 -3.86 26.23
CA LEU B 24 -9.06 -2.83 25.19
C LEU B 24 -7.64 -2.71 24.68
N SER B 25 -6.65 -2.76 25.61
CA SER B 25 -5.22 -2.71 25.33
C SER B 25 -4.75 -3.92 24.48
N LYS B 26 -5.31 -5.12 24.74
CA LYS B 26 -5.01 -6.35 24.01
C LYS B 26 -5.63 -6.31 22.62
N GLU B 27 -6.88 -5.79 22.53
CA GLU B 27 -7.65 -5.59 21.29
C GLU B 27 -6.95 -4.61 20.33
N ILE B 28 -6.34 -3.52 20.88
CA ILE B 28 -5.59 -2.51 20.14
C ILE B 28 -4.38 -3.20 19.52
N ALA B 29 -3.58 -3.91 20.35
CA ALA B 29 -2.41 -4.66 19.90
C ALA B 29 -2.75 -5.69 18.81
N ASN B 30 -3.93 -6.37 18.92
CA ASN B 30 -4.37 -7.33 17.89
C ASN B 30 -4.63 -6.61 16.57
N ASN B 31 -5.24 -5.41 16.65
CA ASN B 31 -5.53 -4.54 15.50
C ASN B 31 -4.22 -4.00 14.85
N ILE B 32 -3.22 -3.55 15.66
CA ILE B 32 -1.90 -3.08 15.20
C ILE B 32 -1.19 -4.23 14.47
N ASP B 33 -1.28 -5.47 15.01
CA ASP B 33 -0.68 -6.66 14.40
C ASP B 33 -1.23 -6.93 13.02
N THR B 34 -2.57 -6.95 12.84
CA THR B 34 -3.20 -7.19 11.53
C THR B 34 -2.89 -6.03 10.57
N MET B 35 -2.64 -4.83 11.12
CA MET B 35 -2.25 -3.65 10.37
C MET B 35 -0.81 -3.80 9.85
N ALA B 36 0.12 -4.22 10.74
CA ALA B 36 1.52 -4.44 10.42
C ALA B 36 1.67 -5.55 9.40
N LYS B 37 0.78 -6.57 9.45
CA LYS B 37 0.75 -7.69 8.49
C LYS B 37 0.24 -7.23 7.12
N ALA B 38 -0.81 -6.38 7.09
CA ALA B 38 -1.41 -5.85 5.86
C ALA B 38 -0.40 -5.02 5.08
N LEU B 39 0.36 -4.18 5.79
CA LEU B 39 1.42 -3.33 5.22
C LEU B 39 2.58 -4.17 4.69
N THR B 40 2.93 -5.27 5.40
CA THR B 40 3.98 -6.20 5.02
C THR B 40 3.65 -6.82 3.66
N THR B 41 2.45 -7.41 3.50
CA THR B 41 2.06 -8.06 2.25
C THR B 41 1.84 -7.01 1.13
N MET B 42 1.50 -5.76 1.48
CA MET B 42 1.33 -4.66 0.53
C MET B 42 2.70 -4.24 -0.02
N GLN B 43 3.72 -4.12 0.86
CA GLN B 43 5.09 -3.81 0.46
C GLN B 43 5.69 -4.97 -0.36
N GLU B 44 5.38 -6.21 0.03
CA GLU B 44 5.84 -7.39 -0.71
C GLU B 44 5.34 -7.36 -2.17
N GLN B 45 4.08 -6.94 -2.39
CA GLN B 45 3.46 -6.83 -3.71
C GLN B 45 4.09 -5.72 -4.56
N ILE B 46 4.41 -4.57 -3.93
CA ILE B 46 5.09 -3.43 -4.55
C ILE B 46 6.46 -3.88 -5.06
N ASP B 47 7.26 -4.50 -4.17
CA ASP B 47 8.58 -5.07 -4.46
C ASP B 47 8.49 -6.07 -5.61
N SER B 48 7.51 -6.98 -5.53
CA SER B 48 7.29 -8.01 -6.55
C SER B 48 6.91 -7.40 -7.92
N LEU B 49 6.02 -6.39 -7.93
CA LEU B 49 5.60 -5.73 -9.16
C LEU B 49 6.73 -4.92 -9.78
N ALA B 50 7.44 -4.15 -8.96
CA ALA B 50 8.61 -3.35 -9.34
C ALA B 50 9.68 -4.13 -10.10
N ALA B 51 9.96 -5.39 -9.70
CA ALA B 51 10.95 -6.24 -10.36
C ALA B 51 10.52 -6.56 -11.79
N VAL B 52 9.20 -6.84 -12.00
CA VAL B 52 8.57 -7.10 -13.31
C VAL B 52 8.66 -5.85 -14.22
N VAL B 53 8.36 -4.67 -13.66
CA VAL B 53 8.40 -3.37 -14.33
C VAL B 53 9.84 -3.04 -14.77
N LEU B 54 10.82 -3.24 -13.87
CA LEU B 54 12.25 -2.99 -14.14
C LEU B 54 12.78 -3.94 -15.23
N GLN B 55 12.34 -5.21 -15.21
CA GLN B 55 12.68 -6.18 -16.26
C GLN B 55 11.99 -5.77 -17.58
N ASN B 56 10.74 -5.22 -17.49
CA ASN B 56 10.02 -4.73 -18.66
C ASN B 56 10.76 -3.54 -19.28
N ARG B 57 11.28 -2.64 -18.44
CA ARG B 57 12.04 -1.48 -18.88
C ARG B 57 13.35 -1.91 -19.60
N ARG B 58 14.08 -2.89 -19.02
CA ARG B 58 15.30 -3.42 -19.63
C ARG B 58 14.99 -4.06 -20.97
N GLY B 59 13.80 -4.66 -21.08
CA GLY B 59 13.29 -5.28 -22.29
C GLY B 59 13.13 -4.27 -23.43
N LEU B 60 12.52 -3.11 -23.12
CA LEU B 60 12.26 -2.00 -24.05
C LEU B 60 13.52 -1.23 -24.39
N ASP B 61 14.44 -1.05 -23.41
CA ASP B 61 15.73 -0.37 -23.64
C ASP B 61 16.60 -1.20 -24.63
N MET B 62 16.44 -2.53 -24.58
CA MET B 62 17.11 -3.50 -25.45
C MET B 62 16.54 -3.41 -26.87
N LEU B 63 15.20 -3.39 -27.02
CA LEU B 63 14.48 -3.29 -28.30
C LEU B 63 14.72 -1.97 -29.05
N THR B 64 15.11 -0.91 -28.32
CA THR B 64 15.40 0.42 -28.88
C THR B 64 16.86 0.81 -28.60
N ALA B 65 17.76 -0.19 -28.47
CA ALA B 65 19.19 0.00 -28.18
C ALA B 65 19.88 0.95 -29.19
N ALA B 66 19.51 0.84 -30.49
CA ALA B 66 20.04 1.70 -31.57
C ALA B 66 19.78 3.20 -31.27
N GLN B 67 18.53 3.52 -30.85
CA GLN B 67 18.08 4.88 -30.50
C GLN B 67 18.56 5.34 -29.11
N GLY B 68 19.24 4.45 -28.38
CA GLY B 68 19.77 4.70 -27.05
C GLY B 68 18.79 4.51 -25.91
N GLY B 69 17.84 3.60 -26.07
CA GLY B 69 16.85 3.32 -25.05
C GLY B 69 15.47 3.90 -25.35
N ILE B 70 14.46 3.39 -24.63
CA ILE B 70 13.05 3.74 -24.81
C ILE B 70 12.73 5.22 -24.53
N CYS B 71 13.34 5.85 -23.52
CA CYS B 71 13.09 7.25 -23.21
C CYS B 71 13.59 8.19 -24.34
N LEU B 72 14.72 7.84 -24.99
CA LEU B 72 15.24 8.65 -26.11
C LEU B 72 14.43 8.44 -27.38
N ALA B 73 13.97 7.20 -27.62
CA ALA B 73 13.10 6.81 -28.74
C ALA B 73 11.74 7.51 -28.63
N LEU B 74 11.22 7.70 -27.40
CA LEU B 74 9.96 8.38 -27.13
C LEU B 74 10.11 9.90 -27.09
N ASP B 75 11.37 10.40 -26.93
CA ASP B 75 11.73 11.83 -26.80
C ASP B 75 11.04 12.43 -25.56
N GLU B 76 11.23 11.72 -24.44
CA GLU B 76 10.63 12.04 -23.15
C GLU B 76 11.67 11.99 -22.07
N LYS B 77 11.44 12.76 -20.99
CA LYS B 77 12.28 12.73 -19.79
C LYS B 77 12.02 11.34 -19.20
N CYS B 78 13.09 10.63 -18.87
CA CYS B 78 13.00 9.28 -18.35
C CYS B 78 12.42 9.20 -16.93
N CYS B 79 11.63 8.15 -16.67
CA CYS B 79 11.00 7.86 -15.38
C CYS B 79 11.73 6.73 -14.71
N PHE B 80 11.99 6.91 -13.43
CA PHE B 80 12.70 5.93 -12.61
C PHE B 80 11.89 5.63 -11.36
N TRP B 81 11.90 4.38 -10.91
CA TRP B 81 11.21 4.02 -9.71
C TRP B 81 12.05 4.38 -8.47
N VAL B 82 11.44 5.03 -7.45
CA VAL B 82 12.19 5.30 -6.24
C VAL B 82 11.70 4.29 -5.20
N ASN B 83 12.55 3.28 -4.99
CA ASN B 83 12.33 2.19 -4.06
C ASN B 83 12.43 2.78 -2.64
N GLN B 84 11.44 2.49 -1.80
CA GLN B 84 11.43 2.96 -0.42
C GLN B 84 11.02 1.87 0.59
N SER B 85 11.35 0.63 0.24
CA SER B 85 11.04 -0.56 1.05
C SER B 85 11.59 -0.50 2.47
N GLY B 86 12.84 -0.02 2.63
CA GLY B 86 13.50 0.14 3.92
C GLY B 86 12.74 1.04 4.88
N LYS B 87 12.26 2.19 4.38
CA LYS B 87 11.46 3.15 5.17
C LYS B 87 10.15 2.52 5.63
N VAL B 88 9.50 1.72 4.75
CA VAL B 88 8.25 1.03 5.05
C VAL B 88 8.48 -0.08 6.07
N GLN B 89 9.53 -0.91 5.87
CA GLN B 89 9.92 -2.00 6.76
C GLN B 89 10.23 -1.48 8.18
N ASP B 90 10.80 -0.26 8.30
CA ASP B 90 11.07 0.42 9.57
C ASP B 90 9.78 0.82 10.29
N ASN B 91 8.77 1.30 9.52
CA ASN B 91 7.45 1.68 10.02
C ASN B 91 6.76 0.43 10.58
N ILE B 92 6.90 -0.69 9.85
CA ILE B 92 6.36 -1.99 10.28
C ILE B 92 6.99 -2.42 11.61
N ARG B 93 8.35 -2.33 11.72
CA ARG B 93 9.14 -2.67 12.92
C ARG B 93 8.58 -1.87 14.11
N GLN B 94 8.48 -0.52 13.94
CA GLN B 94 7.94 0.42 14.93
C GLN B 94 6.51 0.04 15.37
N LEU B 95 5.63 -0.36 14.40
CA LEU B 95 4.28 -0.81 14.69
C LEU B 95 4.28 -2.07 15.56
N LEU B 96 5.17 -3.04 15.26
CA LEU B 96 5.29 -4.29 16.02
C LEU B 96 5.86 -4.07 17.43
N ASN B 97 6.73 -3.06 17.59
CA ASN B 97 7.28 -2.69 18.89
C ASN B 97 6.18 -2.01 19.74
N GLN B 98 5.32 -1.18 19.10
CA GLN B 98 4.20 -0.47 19.74
C GLN B 98 3.15 -1.47 20.26
N ALA B 99 2.86 -2.55 19.48
CA ALA B 99 1.89 -3.58 19.85
C ALA B 99 2.41 -4.45 21.00
N SER B 100 3.74 -4.71 21.01
CA SER B 100 4.44 -5.49 22.03
C SER B 100 4.38 -4.80 23.39
N SER B 101 4.55 -3.45 23.41
CA SER B 101 4.52 -2.60 24.61
C SER B 101 3.17 -2.70 25.32
N LEU B 102 2.06 -2.55 24.55
CA LEU B 102 0.67 -2.62 25.03
C LEU B 102 0.31 -4.00 25.60
N ARG B 103 0.99 -5.06 25.14
CA ARG B 103 0.77 -6.43 25.62
C ARG B 103 1.53 -6.72 26.91
N GLU B 104 2.79 -6.25 27.00
CA GLU B 104 3.66 -6.42 28.17
C GLU B 104 3.09 -5.72 29.42
N ARG B 105 2.49 -4.53 29.25
CA ARG B 105 1.91 -3.75 30.33
C ARG B 105 0.42 -4.06 30.53
N ASN C 9 -12.48 9.57 48.09
CA ASN C 9 -12.11 8.21 47.72
C ASN C 9 -12.57 7.83 46.31
N LEU C 10 -13.78 8.30 45.90
CA LEU C 10 -14.32 8.05 44.57
C LEU C 10 -13.56 8.90 43.54
N TYR C 11 -13.08 10.08 43.97
CA TYR C 11 -12.33 11.05 43.16
C TYR C 11 -11.03 10.45 42.64
N PHE C 12 -10.24 9.86 43.54
CA PHE C 12 -8.94 9.27 43.25
C PHE C 12 -9.03 8.12 42.27
N GLN C 13 -10.07 7.28 42.39
CA GLN C 13 -10.28 6.17 41.46
C GLN C 13 -10.68 6.68 40.08
N SER C 14 -11.54 7.73 40.02
CA SER C 14 -11.94 8.31 38.74
C SER C 14 -10.79 9.06 38.04
N THR C 15 -9.88 9.68 38.82
CA THR C 15 -8.74 10.39 38.22
C THR C 15 -7.65 9.44 37.80
N LYS C 16 -7.42 8.34 38.57
CA LYS C 16 -6.44 7.31 38.20
C LYS C 16 -6.89 6.60 36.91
N ALA C 17 -8.23 6.48 36.70
CA ALA C 17 -8.83 5.89 35.51
C ALA C 17 -8.71 6.86 34.32
N SER C 18 -8.91 8.16 34.57
CA SER C 18 -8.83 9.25 33.59
C SER C 18 -7.39 9.38 33.07
N LEU C 19 -6.39 9.22 33.97
CA LEU C 19 -4.96 9.26 33.68
C LEU C 19 -4.56 8.06 32.80
N THR C 20 -5.06 6.86 33.10
CA THR C 20 -4.77 5.66 32.29
C THR C 20 -5.31 5.83 30.86
N TYR C 21 -6.54 6.38 30.71
CA TYR C 21 -7.12 6.61 29.39
C TYR C 21 -6.42 7.74 28.64
N SER C 22 -5.91 8.75 29.36
CA SER C 22 -5.15 9.85 28.77
C SER C 22 -3.82 9.31 28.21
N GLN C 23 -3.15 8.43 28.97
CA GLN C 23 -1.88 7.82 28.57
C GLN C 23 -2.07 6.80 27.44
N LEU C 24 -3.19 6.05 27.47
CA LEU C 24 -3.53 5.07 26.45
C LEU C 24 -3.81 5.73 25.09
N SER C 25 -4.55 6.87 25.11
CA SER C 25 -4.89 7.64 23.91
C SER C 25 -3.67 8.33 23.29
N LYS C 26 -2.62 8.63 24.10
CA LYS C 26 -1.36 9.21 23.61
C LYS C 26 -0.61 8.16 22.79
N GLU C 27 -0.65 6.88 23.24
CA GLU C 27 -0.02 5.75 22.56
C GLU C 27 -0.71 5.46 21.25
N ILE C 28 -2.06 5.50 21.23
CA ILE C 28 -2.92 5.27 20.06
C ILE C 28 -2.57 6.33 19.00
N ALA C 29 -2.42 7.60 19.44
CA ALA C 29 -2.05 8.76 18.61
C ALA C 29 -0.68 8.55 17.96
N ASN C 30 0.27 7.90 18.66
CA ASN C 30 1.60 7.61 18.10
C ASN C 30 1.55 6.45 17.09
N ASN C 31 0.67 5.45 17.35
CA ASN C 31 0.45 4.33 16.46
C ASN C 31 -0.20 4.78 15.14
N ILE C 32 -1.17 5.74 15.22
CA ILE C 32 -1.88 6.31 14.07
C ILE C 32 -0.88 7.04 13.17
N ASP C 33 -0.01 7.89 13.79
CA ASP C 33 1.05 8.65 13.12
C ASP C 33 2.01 7.74 12.34
N THR C 34 2.37 6.60 12.94
CA THR C 34 3.26 5.59 12.35
C THR C 34 2.59 4.95 11.12
N MET C 35 1.29 4.64 11.26
CA MET C 35 0.45 4.07 10.22
C MET C 35 0.30 5.05 9.04
N ALA C 36 0.18 6.36 9.33
CA ALA C 36 0.05 7.41 8.33
C ALA C 36 1.35 7.56 7.53
N LYS C 37 2.53 7.53 8.23
CA LYS C 37 3.85 7.54 7.61
C LYS C 37 3.98 6.37 6.60
N ALA C 38 3.64 5.14 7.06
CA ALA C 38 3.70 3.91 6.25
C ALA C 38 2.88 4.01 4.96
N LEU C 39 1.65 4.54 5.06
CA LEU C 39 0.73 4.71 3.93
C LEU C 39 1.20 5.79 2.98
N THR C 40 1.79 6.87 3.53
CA THR C 40 2.34 7.98 2.73
C THR C 40 3.45 7.42 1.83
N THR C 41 4.44 6.73 2.44
CA THR C 41 5.59 6.12 1.77
C THR C 41 5.14 5.09 0.72
N MET C 42 4.13 4.27 1.03
CA MET C 42 3.60 3.28 0.09
C MET C 42 2.90 3.93 -1.08
N GLN C 43 2.14 5.02 -0.85
CA GLN C 43 1.49 5.75 -1.93
C GLN C 43 2.52 6.41 -2.82
N GLU C 44 3.59 6.97 -2.22
CA GLU C 44 4.71 7.56 -2.96
C GLU C 44 5.35 6.53 -3.93
N GLN C 45 5.53 5.29 -3.45
CA GLN C 45 6.10 4.21 -4.25
C GLN C 45 5.19 3.77 -5.39
N ILE C 46 3.87 3.72 -5.13
CA ILE C 46 2.86 3.39 -6.14
C ILE C 46 2.86 4.46 -7.23
N ASP C 47 2.85 5.76 -6.84
CA ASP C 47 2.89 6.90 -7.78
C ASP C 47 4.14 6.88 -8.64
N SER C 48 5.28 6.57 -8.02
CA SER C 48 6.59 6.45 -8.65
C SER C 48 6.60 5.27 -9.65
N LEU C 49 6.12 4.10 -9.21
CA LEU C 49 6.08 2.91 -10.07
C LEU C 49 5.17 3.10 -11.27
N ALA C 50 4.01 3.75 -11.07
CA ALA C 50 3.02 4.00 -12.10
C ALA C 50 3.56 4.81 -13.26
N ALA C 51 4.38 5.86 -12.96
CA ALA C 51 4.96 6.71 -14.02
C ALA C 51 5.92 5.89 -14.89
N VAL C 52 6.63 4.90 -14.32
CA VAL C 52 7.53 4.02 -15.08
C VAL C 52 6.66 3.12 -16.01
N VAL C 53 5.59 2.53 -15.44
CA VAL C 53 4.62 1.65 -16.10
C VAL C 53 3.96 2.33 -17.30
N LEU C 54 3.47 3.55 -17.10
CA LEU C 54 2.82 4.34 -18.15
C LEU C 54 3.78 4.71 -19.28
N GLN C 55 5.05 5.01 -18.95
CA GLN C 55 6.10 5.30 -19.92
C GLN C 55 6.44 3.99 -20.69
N ASN C 56 6.41 2.83 -20.01
CA ASN C 56 6.61 1.52 -20.66
C ASN C 56 5.48 1.25 -21.64
N ARG C 57 4.22 1.62 -21.25
CA ARG C 57 3.03 1.52 -22.08
C ARG C 57 3.14 2.38 -23.35
N ARG C 58 3.51 3.67 -23.21
CA ARG C 58 3.71 4.61 -24.33
C ARG C 58 4.78 4.09 -25.27
N GLY C 59 5.84 3.50 -24.70
CA GLY C 59 6.93 2.85 -25.41
C GLY C 59 6.47 1.69 -26.27
N LEU C 60 5.60 0.81 -25.70
CA LEU C 60 5.01 -0.34 -26.40
C LEU C 60 4.01 0.10 -27.48
N ASP C 61 3.22 1.14 -27.19
CA ASP C 61 2.27 1.73 -28.15
C ASP C 61 3.01 2.30 -29.38
N MET C 62 4.16 2.94 -29.15
CA MET C 62 5.02 3.51 -30.20
C MET C 62 5.61 2.42 -31.09
N LEU C 63 6.12 1.32 -30.48
CA LEU C 63 6.68 0.19 -31.20
C LEU C 63 5.64 -0.57 -32.03
N THR C 64 4.34 -0.48 -31.67
CA THR C 64 3.25 -1.15 -32.38
C THR C 64 2.25 -0.15 -32.97
N ALA C 65 2.68 1.12 -33.20
CA ALA C 65 1.87 2.22 -33.75
C ALA C 65 1.06 1.86 -35.00
N ALA C 66 1.65 1.11 -35.97
CA ALA C 66 0.99 0.66 -37.21
C ALA C 66 -0.16 -0.33 -36.98
N GLN C 67 -0.15 -1.01 -35.82
CA GLN C 67 -1.20 -1.96 -35.44
C GLN C 67 -2.24 -1.27 -34.55
N GLY C 68 -1.98 0.00 -34.22
CA GLY C 68 -2.84 0.81 -33.36
C GLY C 68 -2.53 0.72 -31.88
N GLY C 69 -1.30 0.34 -31.54
CA GLY C 69 -0.91 0.20 -30.14
C GLY C 69 -0.84 -1.25 -29.71
N ILE C 70 -0.33 -1.46 -28.48
CA ILE C 70 -0.04 -2.78 -27.94
C ILE C 70 -1.30 -3.62 -27.69
N CYS C 71 -2.40 -3.03 -27.20
CA CYS C 71 -3.63 -3.78 -26.91
C CYS C 71 -4.26 -4.36 -28.17
N LEU C 72 -4.31 -3.57 -29.27
CA LEU C 72 -4.78 -4.05 -30.59
C LEU C 72 -3.79 -5.06 -31.20
N ALA C 73 -2.47 -4.87 -30.97
CA ALA C 73 -1.47 -5.82 -31.46
C ALA C 73 -1.63 -7.18 -30.74
N LEU C 74 -1.93 -7.13 -29.41
CA LEU C 74 -2.14 -8.30 -28.56
C LEU C 74 -3.52 -8.94 -28.77
N ASP C 75 -4.47 -8.17 -29.37
CA ASP C 75 -5.88 -8.50 -29.63
C ASP C 75 -6.60 -8.69 -28.27
N GLU C 76 -6.41 -7.72 -27.38
CA GLU C 76 -6.95 -7.75 -26.02
C GLU C 76 -7.67 -6.46 -25.65
N LYS C 77 -8.56 -6.59 -24.65
CA LYS C 77 -9.21 -5.48 -23.97
C LYS C 77 -8.06 -4.70 -23.30
N CYS C 78 -8.00 -3.40 -23.53
CA CYS C 78 -6.93 -2.60 -22.97
C CYS C 78 -7.05 -2.34 -21.47
N CYS C 79 -5.93 -2.47 -20.76
CA CYS C 79 -5.83 -2.22 -19.33
C CYS C 79 -5.34 -0.80 -19.12
N PHE C 80 -6.04 -0.06 -18.25
CA PHE C 80 -5.72 1.31 -17.89
C PHE C 80 -5.52 1.42 -16.38
N TRP C 81 -4.54 2.23 -15.97
CA TRP C 81 -4.32 2.42 -14.54
C TRP C 81 -5.32 3.42 -13.96
N VAL C 82 -5.89 3.08 -12.80
CA VAL C 82 -6.82 3.96 -12.10
C VAL C 82 -6.07 4.57 -10.94
N ASN C 83 -5.61 5.81 -11.17
CA ASN C 83 -4.90 6.61 -10.19
C ASN C 83 -5.90 7.02 -9.10
N GLN C 84 -5.58 6.74 -7.86
CA GLN C 84 -6.42 7.07 -6.72
C GLN C 84 -5.61 7.69 -5.57
N SER C 85 -4.52 8.35 -5.93
CA SER C 85 -3.62 8.99 -4.98
C SER C 85 -4.32 10.03 -4.09
N GLY C 86 -5.24 10.80 -4.68
CA GLY C 86 -6.03 11.83 -4.01
C GLY C 86 -6.88 11.31 -2.86
N LYS C 87 -7.53 10.16 -3.07
CA LYS C 87 -8.36 9.56 -2.05
C LYS C 87 -7.52 8.96 -0.90
N VAL C 88 -6.34 8.35 -1.23
CA VAL C 88 -5.42 7.79 -0.22
C VAL C 88 -4.83 8.91 0.61
N GLN C 89 -4.48 10.05 -0.03
CA GLN C 89 -3.94 11.25 0.60
C GLN C 89 -4.93 11.86 1.59
N ASP C 90 -6.23 11.75 1.28
CA ASP C 90 -7.33 12.19 2.12
C ASP C 90 -7.47 11.25 3.33
N ASN C 91 -7.35 9.92 3.11
CA ASN C 91 -7.39 8.94 4.19
C ASN C 91 -6.25 9.18 5.16
N ILE C 92 -5.05 9.55 4.65
CA ILE C 92 -3.86 9.83 5.46
C ILE C 92 -4.07 11.09 6.30
N ARG C 93 -4.59 12.17 5.66
CA ARG C 93 -4.88 13.45 6.34
C ARG C 93 -5.89 13.25 7.47
N GLN C 94 -6.91 12.39 7.24
CA GLN C 94 -7.93 12.04 8.24
C GLN C 94 -7.30 11.34 9.46
N LEU C 95 -6.36 10.39 9.21
CA LEU C 95 -5.65 9.67 10.28
C LEU C 95 -4.81 10.64 11.07
N LEU C 96 -4.08 11.55 10.38
CA LEU C 96 -3.26 12.58 11.02
C LEU C 96 -4.10 13.53 11.88
N ASN C 97 -5.33 13.87 11.42
CA ASN C 97 -6.27 14.72 12.15
C ASN C 97 -6.82 13.96 13.35
N GLN C 98 -7.20 12.66 13.17
CA GLN C 98 -7.70 11.81 14.26
C GLN C 98 -6.67 11.68 15.41
N ALA C 99 -5.36 11.56 15.05
CA ALA C 99 -4.26 11.44 16.02
C ALA C 99 -4.03 12.75 16.79
N SER C 100 -3.98 13.91 16.10
CA SER C 100 -3.78 15.20 16.77
C SER C 100 -4.95 15.57 17.68
N SER C 101 -6.19 15.17 17.30
CA SER C 101 -7.41 15.37 18.06
C SER C 101 -7.35 14.58 19.37
N LEU C 102 -6.83 13.31 19.32
CA LEU C 102 -6.68 12.44 20.50
C LEU C 102 -5.57 12.99 21.42
N ARG C 103 -4.45 13.42 20.82
CA ARG C 103 -3.28 13.97 21.53
C ARG C 103 -3.64 15.29 22.24
N GLU C 104 -4.60 16.05 21.66
CA GLU C 104 -5.12 17.32 22.16
C GLU C 104 -5.97 17.06 23.43
N ARG C 105 -6.94 16.10 23.34
CA ARG C 105 -7.86 15.69 24.41
C ARG C 105 -7.10 15.15 25.62
N ALA C 106 -6.11 14.26 25.38
CA ALA C 106 -5.27 13.62 26.39
C ALA C 106 -4.35 14.62 27.15
N THR C 107 -4.29 15.87 26.67
CA THR C 107 -3.50 16.97 27.24
C THR C 107 -4.45 18.12 27.57
CL CL D . 5.58 -2.26 -17.01
#